data_9VRS
#
_entry.id   9VRS
#
_cell.length_a   60.000
_cell.length_b   78.810
_cell.length_c   80.880
_cell.angle_alpha   90.00
_cell.angle_beta   111.73
_cell.angle_gamma   90.00
#
_symmetry.space_group_name_H-M   'P 1 21 1'
#
loop_
_entity.id
_entity.type
_entity.pdbx_description
1 polymer 'Tyrosine-protein phosphatase non-receptor type 2'
2 non-polymer 5-[2-fluoranyl-6-oxidanyl-4-(4,5,6,7-tetrahydropyrazolo[1,5-a]pyridin-3-yl)phenyl]-1,1-bis(oxidanylidene)-1,2,5-thiadiazolidin-3-one
3 water water
#
_entity_poly.entity_id   1
_entity_poly.type   'polypeptide(L)'
_entity_poly.pdbx_seq_one_letter_code
;GPLGSPWGSIEREFEELDTQRRWQPLYLEIRNESHDYPHRVAKFPENRNRNRYRDVSPYDHSRVKLQNAENDYINASLVD
IEEAQRSYILTQGPLPNTCCHFWLMVWQQKTKAVVMLNRIVEKESVKCAQYWPTDDQEMLFKETGFSVKLLSEDVKSYYT
VHLLQLENINSGETRTISHFHYTTWPDFGVPESPASFLNFLFKVRESGSLNPDHGPAVIHCSAGIGRSGTFSLVDTCLVL
MEKGDDINIKQVLLNMRKYRMGLIQTPDQLRFSYMAIIEGAKCIKGDSSIQKRWKELSKED
;
_entity_poly.pdbx_strand_id   B,A
#
# COMPACT_ATOMS: atom_id res chain seq x y z
N GLY A 1 -11.38 19.13 -15.10
CA GLY A 1 -10.08 18.92 -14.48
C GLY A 1 -9.20 20.15 -14.50
N PRO A 2 -7.91 19.99 -14.21
CA PRO A 2 -6.99 21.14 -14.24
C PRO A 2 -6.78 21.65 -15.66
N LEU A 3 -6.22 22.87 -15.73
CA LEU A 3 -5.95 23.51 -17.02
C LEU A 3 -4.65 23.05 -17.65
N GLY A 4 -3.73 22.45 -16.91
CA GLY A 4 -2.47 22.05 -17.49
C GLY A 4 -2.57 20.82 -18.38
N SER A 5 -1.41 20.42 -18.92
CA SER A 5 -1.27 19.19 -19.70
C SER A 5 -1.24 17.98 -18.77
N PRO A 6 -1.38 16.76 -19.31
CA PRO A 6 -1.30 15.57 -18.44
C PRO A 6 -0.02 15.47 -17.63
N TRP A 7 1.10 16.00 -18.13
CA TRP A 7 2.37 15.99 -17.41
C TRP A 7 2.71 17.34 -16.77
N GLY A 8 1.76 18.29 -16.76
CA GLY A 8 2.07 19.65 -16.31
C GLY A 8 2.44 19.74 -14.83
N SER A 9 1.72 19.02 -13.98
CA SER A 9 2.04 19.05 -12.55
C SER A 9 3.45 18.54 -12.28
N ILE A 10 3.84 17.45 -12.95
CA ILE A 10 5.18 16.88 -12.74
C ILE A 10 6.25 17.80 -13.32
N GLU A 11 5.97 18.41 -14.48
CA GLU A 11 6.94 19.29 -15.13
C GLU A 11 7.21 20.55 -14.33
N ARG A 12 6.18 21.13 -13.71
CA ARG A 12 6.39 22.32 -12.88
C ARG A 12 7.23 22.01 -11.66
N GLU A 13 7.00 20.84 -11.05
CA GLU A 13 7.80 20.43 -9.89
C GLU A 13 9.26 20.21 -10.27
N PHE A 14 9.51 19.59 -11.42
CA PHE A 14 10.88 19.41 -11.91
C PHE A 14 11.58 20.75 -12.12
N GLU A 15 10.87 21.72 -12.70
CA GLU A 15 11.50 23.02 -12.97
C GLU A 15 11.82 23.76 -11.67
N GLU A 16 10.96 23.61 -10.66
CA GLU A 16 11.20 24.27 -9.37
C GLU A 16 12.37 23.63 -8.62
N LEU A 17 12.48 22.29 -8.66
CA LEU A 17 13.61 21.64 -8.02
C LEU A 17 14.93 22.04 -8.66
N ASP A 18 14.93 22.24 -9.98
CA ASP A 18 16.14 22.70 -10.68
C ASP A 18 16.51 24.13 -10.27
N THR A 19 15.53 25.03 -10.25
CA THR A 19 15.82 26.42 -9.93
C THR A 19 16.31 26.57 -8.50
N GLN A 20 15.65 25.90 -7.56
CA GLN A 20 16.04 25.97 -6.16
C GLN A 20 17.17 25.01 -5.79
N ARG A 21 17.70 24.26 -6.76
CA ARG A 21 18.77 23.28 -6.55
C ARG A 21 18.48 22.38 -5.34
N ARG A 22 17.29 21.79 -5.32
CA ARG A 22 16.79 21.07 -4.14
C ARG A 22 16.75 19.56 -4.33
N TRP A 23 17.45 19.01 -5.32
CA TRP A 23 17.43 17.56 -5.55
C TRP A 23 18.08 16.80 -4.39
N GLN A 24 19.20 17.30 -3.87
CA GLN A 24 19.82 16.62 -2.73
C GLN A 24 18.94 16.69 -1.49
N PRO A 25 18.38 17.84 -1.09
CA PRO A 25 17.44 17.81 0.04
C PRO A 25 16.24 16.89 -0.18
N LEU A 26 15.67 16.84 -1.39
CA LEU A 26 14.51 15.96 -1.61
C LEU A 26 14.90 14.49 -1.43
N TYR A 27 16.04 14.08 -2.00
CA TYR A 27 16.51 12.70 -1.80
C TYR A 27 16.63 12.37 -0.31
N LEU A 28 17.14 13.30 0.49
CA LEU A 28 17.30 13.04 1.92
C LEU A 28 15.95 12.94 2.64
N GLU A 29 14.95 13.71 2.21
CA GLU A 29 13.60 13.52 2.74
C GLU A 29 13.13 12.09 2.52
N ILE A 30 13.33 11.56 1.31
CA ILE A 30 12.85 10.22 0.98
C ILE A 30 13.54 9.18 1.84
N ARG A 31 14.86 9.33 2.05
CA ARG A 31 15.58 8.39 2.90
C ARG A 31 15.03 8.42 4.32
N ASN A 32 14.80 9.62 4.87
CA ASN A 32 14.34 9.73 6.25
C ASN A 32 12.89 9.24 6.42
N GLU A 33 12.10 9.18 5.35
CA GLU A 33 10.71 8.76 5.46
C GLU A 33 10.49 7.28 5.12
N SER A 34 11.55 6.53 4.78
CA SER A 34 11.44 5.11 4.42
C SER A 34 11.55 4.25 5.67
N HIS A 35 10.49 3.52 5.99
CA HIS A 35 10.54 2.71 7.22
C HIS A 35 11.30 1.40 6.96
N ASP A 36 11.80 0.81 8.06
CA ASP A 36 12.44 -0.50 8.02
C ASP A 36 11.42 -1.58 8.36
N TYR A 37 11.60 -2.78 7.80
CA TYR A 37 10.74 -3.91 8.04
C TYR A 37 11.56 -5.17 8.30
N PRO A 38 11.00 -6.16 9.00
CA PRO A 38 11.76 -7.37 9.35
C PRO A 38 12.40 -8.06 8.14
N HIS A 39 13.68 -8.40 8.28
CA HIS A 39 14.40 -9.21 7.30
C HIS A 39 15.23 -10.29 8.04
N ARG A 40 14.53 -11.17 8.76
CA ARG A 40 15.19 -12.14 9.63
C ARG A 40 15.75 -13.34 8.87
N VAL A 41 14.99 -13.91 7.92
CA VAL A 41 15.48 -15.09 7.18
C VAL A 41 16.79 -14.78 6.46
N ALA A 42 16.91 -13.56 5.92
CA ALA A 42 18.13 -13.19 5.19
C ALA A 42 19.37 -13.26 6.05
N LYS A 43 19.22 -13.11 7.36
CA LYS A 43 20.36 -13.12 8.27
C LYS A 43 20.61 -14.48 8.93
N PHE A 44 19.88 -15.54 8.53
CA PHE A 44 20.21 -16.87 9.02
C PHE A 44 21.65 -17.24 8.64
N PRO A 45 22.38 -17.94 9.53
CA PRO A 45 23.77 -18.32 9.18
C PRO A 45 23.89 -19.17 7.92
N GLU A 46 22.94 -20.07 7.66
CA GLU A 46 23.00 -20.89 6.45
C GLU A 46 22.73 -20.08 5.17
N ASN A 47 22.36 -18.81 5.26
CA ASN A 47 22.13 -17.98 4.09
C ASN A 47 23.24 -16.96 3.83
N ARG A 48 24.33 -16.98 4.61
CA ARG A 48 25.34 -15.94 4.46
C ARG A 48 26.05 -16.02 3.10
N ASN A 49 26.30 -17.22 2.59
CA ASN A 49 26.91 -17.34 1.26
C ASN A 49 25.91 -17.19 0.10
N ARG A 50 24.66 -16.81 0.38
CA ARG A 50 23.66 -16.57 -0.67
C ARG A 50 23.41 -15.08 -0.89
N ASN A 51 24.06 -14.21 -0.10
CA ASN A 51 23.92 -12.76 -0.20
C ASN A 51 25.20 -12.14 -0.74
N ARG A 52 25.08 -11.33 -1.81
CA ARG A 52 26.22 -10.61 -2.39
C ARG A 52 26.74 -9.49 -1.47
N TYR A 53 25.83 -8.72 -0.83
CA TYR A 53 26.17 -7.57 0.01
C TYR A 53 25.47 -7.70 1.38
N ARG A 54 26.24 -7.55 2.47
CA ARG A 54 25.65 -7.67 3.82
C ARG A 54 24.57 -6.64 4.14
N ASP A 55 24.57 -5.48 3.48
CA ASP A 55 23.63 -4.42 3.81
C ASP A 55 22.41 -4.36 2.88
N VAL A 56 22.23 -5.35 2.00
CA VAL A 56 21.12 -5.35 1.04
C VAL A 56 20.40 -6.69 1.18
N SER A 57 19.19 -6.66 1.73
CA SER A 57 18.42 -7.85 2.08
C SER A 57 16.96 -7.70 1.65
N PRO A 58 16.31 -8.81 1.31
CA PRO A 58 14.85 -8.78 1.09
C PRO A 58 14.10 -8.82 2.42
N TYR A 59 12.98 -8.09 2.47
CA TYR A 59 12.08 -8.14 3.63
C TYR A 59 11.34 -9.48 3.70
N ASP A 60 11.07 -9.94 4.93
CA ASP A 60 10.40 -11.22 5.10
C ASP A 60 9.03 -11.25 4.43
N HIS A 61 8.27 -10.15 4.52
CA HIS A 61 6.89 -10.19 4.04
C HIS A 61 6.79 -10.25 2.52
N SER A 62 7.83 -9.86 1.78
CA SER A 62 7.75 -9.86 0.32
C SER A 62 8.83 -10.69 -0.38
N ARG A 63 9.58 -11.51 0.34
CA ARG A 63 10.62 -12.29 -0.33
C ARG A 63 10.02 -13.41 -1.18
N VAL A 64 10.70 -13.76 -2.28
CA VAL A 64 10.29 -14.85 -3.16
C VAL A 64 10.85 -16.16 -2.63
N LYS A 65 9.98 -17.16 -2.41
CA LYS A 65 10.37 -18.45 -1.87
C LYS A 65 10.60 -19.49 -2.97
N LEU A 66 11.68 -20.27 -2.82
CA LEU A 66 11.92 -21.40 -3.72
C LEU A 66 11.07 -22.59 -3.24
N GLN A 67 10.40 -23.28 -4.18
CA GLN A 67 9.52 -24.41 -3.85
C GLN A 67 10.24 -25.74 -3.99
N ASN A 68 9.83 -26.72 -3.16
CA ASN A 68 10.40 -28.10 -3.15
C ASN A 68 11.92 -28.12 -2.97
N ALA A 69 12.45 -27.22 -2.14
CA ALA A 69 13.89 -27.19 -1.86
C ALA A 69 14.12 -27.25 -0.35
N GLU A 70 15.23 -27.86 0.05
CA GLU A 70 15.54 -27.95 1.49
C GLU A 70 15.71 -26.56 2.10
N ASN A 71 16.33 -25.63 1.37
CA ASN A 71 16.48 -24.24 1.80
C ASN A 71 15.78 -23.38 0.77
N ASP A 72 14.75 -22.64 1.20
CA ASP A 72 13.87 -21.90 0.28
C ASP A 72 14.34 -20.46 -0.02
N TYR A 73 15.54 -20.06 0.43
CA TYR A 73 15.95 -18.66 0.41
C TYR A 73 16.70 -18.23 -0.88
N ILE A 74 16.28 -17.08 -1.44
CA ILE A 74 17.02 -16.35 -2.47
C ILE A 74 16.86 -14.86 -2.18
N ASN A 75 17.89 -14.08 -2.52
CA ASN A 75 17.85 -12.62 -2.30
C ASN A 75 17.08 -12.02 -3.48
N ALA A 76 15.74 -11.99 -3.35
CA ALA A 76 14.84 -11.51 -4.38
C ALA A 76 13.51 -11.12 -3.72
N SER A 77 12.86 -10.08 -4.27
CA SER A 77 11.64 -9.48 -3.72
C SER A 77 10.57 -9.35 -4.78
N LEU A 78 9.30 -9.59 -4.40
CA LEU A 78 8.17 -9.35 -5.28
C LEU A 78 7.60 -7.95 -5.05
N VAL A 79 7.62 -7.13 -6.09
CA VAL A 79 7.10 -5.76 -6.06
C VAL A 79 5.82 -5.76 -6.89
N ASP A 80 4.64 -5.78 -6.24
CA ASP A 80 3.40 -5.81 -6.99
C ASP A 80 2.57 -4.57 -6.67
N ILE A 81 2.23 -3.82 -7.72
CA ILE A 81 1.51 -2.54 -7.63
C ILE A 81 0.18 -2.77 -8.34
N GLU A 82 -0.85 -3.20 -7.60
CA GLU A 82 -2.07 -3.60 -8.32
C GLU A 82 -2.81 -2.42 -8.93
N GLU A 83 -2.52 -1.18 -8.49
CA GLU A 83 -3.13 -0.03 -9.16
C GLU A 83 -2.67 0.09 -10.61
N ALA A 84 -1.54 -0.49 -10.96
CA ALA A 84 -1.02 -0.48 -12.33
C ALA A 84 -1.14 -1.83 -13.02
N GLN A 85 -1.68 -2.86 -12.35
CA GLN A 85 -1.65 -4.23 -12.87
C GLN A 85 -0.24 -4.65 -13.29
N ARG A 86 0.75 -4.25 -12.50
CA ARG A 86 2.16 -4.54 -12.74
C ARG A 86 2.74 -5.34 -11.58
N SER A 87 3.52 -6.39 -11.90
CA SER A 87 4.28 -7.16 -10.90
C SER A 87 5.69 -7.40 -11.42
N TYR A 88 6.70 -7.17 -10.56
CA TYR A 88 8.10 -7.39 -10.88
C TYR A 88 8.78 -8.20 -9.77
N ILE A 89 9.83 -8.95 -10.11
CA ILE A 89 10.77 -9.49 -9.12
C ILE A 89 12.09 -8.76 -9.27
N LEU A 90 12.55 -8.09 -8.21
CA LEU A 90 13.84 -7.42 -8.19
C LEU A 90 14.83 -8.25 -7.39
N THR A 91 16.04 -8.46 -7.92
CA THR A 91 16.98 -9.43 -7.34
C THR A 91 18.42 -8.97 -7.60
N GLN A 92 19.35 -9.49 -6.78
CA GLN A 92 20.78 -9.23 -6.99
C GLN A 92 21.30 -9.99 -8.22
N GLY A 93 22.45 -9.56 -8.74
CA GLY A 93 23.16 -10.37 -9.72
C GLY A 93 23.65 -11.65 -9.07
N PRO A 94 23.27 -12.82 -9.61
CA PRO A 94 23.55 -14.08 -8.92
C PRO A 94 25.04 -14.38 -8.77
N LEU A 95 25.40 -15.01 -7.64
CA LEU A 95 26.74 -15.50 -7.33
C LEU A 95 26.97 -16.86 -8.02
N PRO A 96 28.23 -17.31 -8.16
CA PRO A 96 28.45 -18.62 -8.82
C PRO A 96 27.61 -19.74 -8.24
N ASN A 97 27.43 -19.77 -6.92
CA ASN A 97 26.65 -20.82 -6.27
C ASN A 97 25.16 -20.55 -6.20
N THR A 98 24.68 -19.38 -6.66
CA THR A 98 23.23 -19.15 -6.68
C THR A 98 22.66 -19.01 -8.08
N CYS A 99 23.44 -19.20 -9.15
CA CYS A 99 22.85 -19.22 -10.50
C CYS A 99 21.76 -20.30 -10.63
N CYS A 100 21.99 -21.47 -10.00
CA CYS A 100 21.01 -22.57 -10.03
C CYS A 100 19.69 -22.18 -9.38
N HIS A 101 19.74 -21.40 -8.29
CA HIS A 101 18.53 -20.91 -7.63
C HIS A 101 17.81 -19.87 -8.48
N PHE A 102 18.58 -18.98 -9.15
CA PHE A 102 18.04 -17.98 -10.06
C PHE A 102 17.18 -18.62 -11.15
N TRP A 103 17.70 -19.67 -11.81
CA TRP A 103 16.91 -20.28 -12.89
C TRP A 103 15.73 -21.10 -12.37
N LEU A 104 15.84 -21.72 -11.18
CA LEU A 104 14.68 -22.38 -10.56
C LEU A 104 13.55 -21.39 -10.29
N MET A 105 13.88 -20.19 -9.80
CA MET A 105 12.85 -19.18 -9.54
C MET A 105 12.20 -18.71 -10.86
N VAL A 106 13.01 -18.46 -11.89
CA VAL A 106 12.48 -18.07 -13.20
C VAL A 106 11.45 -19.10 -13.70
N TRP A 107 11.74 -20.41 -13.54
CA TRP A 107 10.80 -21.43 -13.98
C TRP A 107 9.54 -21.46 -13.12
N GLN A 108 9.70 -21.53 -11.80
CA GLN A 108 8.55 -21.64 -10.89
C GLN A 108 7.64 -20.42 -10.96
N GLN A 109 8.17 -19.23 -11.21
CA GLN A 109 7.32 -18.04 -11.29
C GLN A 109 6.73 -17.79 -12.68
N LYS A 110 7.04 -18.62 -13.69
CA LYS A 110 6.45 -18.50 -15.04
C LYS A 110 6.86 -17.19 -15.73
N THR A 111 8.07 -16.72 -15.40
CA THR A 111 8.68 -15.54 -16.03
C THR A 111 8.96 -15.75 -17.52
N LYS A 112 8.74 -14.70 -18.31
CA LYS A 112 9.07 -14.70 -19.73
C LYS A 112 10.33 -13.90 -20.08
N ALA A 113 10.69 -12.87 -19.29
CA ALA A 113 11.83 -12.02 -19.63
C ALA A 113 12.70 -11.70 -18.42
N VAL A 114 14.03 -11.62 -18.66
CA VAL A 114 15.01 -11.11 -17.71
C VAL A 114 15.57 -9.79 -18.23
N VAL A 115 15.53 -8.75 -17.38
CA VAL A 115 16.05 -7.43 -17.72
C VAL A 115 17.33 -7.21 -16.91
N MET A 116 18.46 -7.05 -17.59
CA MET A 116 19.79 -6.93 -16.97
C MET A 116 20.37 -5.55 -17.28
N LEU A 117 20.72 -4.77 -16.25
CA LEU A 117 21.10 -3.37 -16.41
C LEU A 117 22.56 -3.06 -16.04
N ASN A 118 23.39 -4.08 -15.82
CA ASN A 118 24.78 -3.94 -15.40
C ASN A 118 25.68 -4.69 -16.38
N ARG A 119 26.99 -4.43 -16.31
CA ARG A 119 27.99 -5.28 -16.95
C ARG A 119 28.55 -6.28 -15.92
N ILE A 120 29.13 -7.38 -16.42
CA ILE A 120 29.73 -8.40 -15.55
C ILE A 120 30.85 -7.80 -14.69
N VAL A 121 31.73 -7.00 -15.29
CA VAL A 121 32.82 -6.31 -14.61
C VAL A 121 32.58 -4.80 -14.72
N GLU A 122 32.69 -4.09 -13.60
CA GLU A 122 32.55 -2.63 -13.57
C GLU A 122 33.61 -2.05 -12.61
N LYS A 123 34.44 -1.13 -13.12
CA LYS A 123 35.54 -0.52 -12.35
C LYS A 123 36.41 -1.59 -11.68
N GLU A 124 36.75 -2.62 -12.46
CA GLU A 124 37.65 -3.71 -12.05
C GLU A 124 37.15 -4.52 -10.84
N SER A 125 35.83 -4.65 -10.66
CA SER A 125 35.25 -5.63 -9.73
C SER A 125 34.16 -6.43 -10.43
N VAL A 126 34.06 -7.73 -10.11
CA VAL A 126 32.99 -8.57 -10.65
C VAL A 126 31.69 -8.22 -9.93
N LYS A 127 30.65 -7.91 -10.70
CA LYS A 127 29.35 -7.46 -10.19
C LYS A 127 28.27 -8.53 -10.24
N CYS A 128 28.48 -9.63 -10.96
CA CYS A 128 27.49 -10.61 -11.35
C CYS A 128 28.23 -11.77 -12.04
N ALA A 129 27.76 -13.00 -11.82
CA ALA A 129 28.36 -14.16 -12.48
C ALA A 129 27.80 -14.34 -13.90
N GLN A 130 28.56 -15.07 -14.73
CA GLN A 130 28.14 -15.39 -16.11
C GLN A 130 27.14 -16.54 -16.06
N TYR A 131 25.85 -16.20 -15.98
CA TYR A 131 24.79 -17.18 -15.75
C TYR A 131 24.10 -17.66 -17.04
N TRP A 132 24.56 -17.24 -18.22
CA TRP A 132 24.08 -17.71 -19.52
C TRP A 132 25.26 -17.94 -20.44
N PRO A 133 25.16 -18.86 -21.42
CA PRO A 133 26.30 -19.15 -22.31
C PRO A 133 26.46 -18.13 -23.41
N THR A 134 27.73 -17.81 -23.73
CA THR A 134 28.05 -16.87 -24.80
C THR A 134 28.25 -17.54 -26.17
N ASP A 135 28.49 -18.85 -26.23
CA ASP A 135 28.70 -19.57 -27.49
C ASP A 135 27.65 -20.69 -27.65
N ASP A 136 27.97 -21.78 -28.34
CA ASP A 136 26.96 -22.81 -28.63
C ASP A 136 26.96 -23.98 -27.64
N GLN A 137 27.70 -23.90 -26.53
CA GLN A 137 27.74 -24.98 -25.54
C GLN A 137 26.57 -24.86 -24.52
N GLU A 138 26.01 -26.00 -24.11
CA GLU A 138 24.93 -25.98 -23.12
C GLU A 138 25.52 -25.79 -21.72
N MET A 139 24.92 -24.90 -20.93
CA MET A 139 25.44 -24.57 -19.61
C MET A 139 24.56 -25.23 -18.54
N LEU A 140 25.15 -26.14 -17.76
CA LEU A 140 24.41 -27.02 -16.85
C LEU A 140 24.43 -26.50 -15.42
N PHE A 141 23.27 -26.57 -14.75
CA PHE A 141 23.11 -26.16 -13.37
C PHE A 141 22.61 -27.38 -12.60
N LYS A 142 23.54 -28.20 -12.08
CA LYS A 142 23.14 -29.53 -11.62
C LYS A 142 22.39 -29.53 -10.29
N GLU A 143 22.57 -28.51 -9.45
CA GLU A 143 21.93 -28.53 -8.12
C GLU A 143 20.41 -28.46 -8.20
N THR A 144 19.85 -27.73 -9.18
CA THR A 144 18.40 -27.59 -9.29
C THR A 144 17.82 -28.24 -10.54
N GLY A 145 18.65 -28.76 -11.45
CA GLY A 145 18.14 -29.51 -12.59
C GLY A 145 17.71 -28.70 -13.80
N PHE A 146 18.55 -27.74 -14.22
CA PHE A 146 18.28 -26.90 -15.38
C PHE A 146 19.50 -26.81 -16.30
N SER A 147 19.23 -26.59 -17.60
CA SER A 147 20.26 -26.33 -18.61
C SER A 147 19.82 -25.16 -19.47
N VAL A 148 20.79 -24.39 -19.99
CA VAL A 148 20.50 -23.17 -20.76
C VAL A 148 21.35 -23.14 -22.05
N LYS A 149 20.69 -22.82 -23.18
CA LYS A 149 21.29 -22.78 -24.53
C LYS A 149 21.00 -21.45 -25.22
N LEU A 150 22.02 -20.86 -25.86
CA LEU A 150 21.86 -19.61 -26.60
C LEU A 150 21.20 -19.88 -27.94
N LEU A 151 20.09 -19.18 -28.24
CA LEU A 151 19.40 -19.34 -29.52
C LEU A 151 19.68 -18.22 -30.51
N SER A 152 19.90 -16.98 -30.08
CA SER A 152 20.14 -15.87 -30.99
C SER A 152 20.65 -14.65 -30.22
N GLU A 153 21.32 -13.74 -30.96
CA GLU A 153 21.96 -12.56 -30.37
C GLU A 153 21.88 -11.38 -31.33
N ASP A 154 21.32 -10.26 -30.89
CA ASP A 154 21.17 -9.04 -31.69
C ASP A 154 21.79 -7.85 -30.98
N VAL A 155 22.92 -7.34 -31.49
CA VAL A 155 23.75 -6.37 -30.79
C VAL A 155 23.49 -4.98 -31.36
N LYS A 156 23.07 -4.04 -30.50
CA LYS A 156 22.94 -2.64 -30.88
C LYS A 156 23.95 -1.79 -30.11
N SER A 157 23.88 -0.48 -30.32
CA SER A 157 24.91 0.42 -29.84
C SER A 157 24.99 0.45 -28.31
N TYR A 158 23.84 0.43 -27.63
CA TYR A 158 23.82 0.55 -26.18
C TYR A 158 23.00 -0.53 -25.49
N TYR A 159 22.60 -1.59 -26.20
CA TYR A 159 21.97 -2.76 -25.58
C TYR A 159 22.01 -3.95 -26.56
N THR A 160 21.82 -5.16 -26.01
CA THR A 160 21.85 -6.42 -26.74
C THR A 160 20.66 -7.26 -26.29
N VAL A 161 20.05 -8.02 -27.22
CA VAL A 161 18.96 -8.94 -26.90
C VAL A 161 19.43 -10.38 -27.20
N HIS A 162 19.38 -11.27 -26.19
CA HIS A 162 19.62 -12.70 -26.38
C HIS A 162 18.31 -13.47 -26.24
N LEU A 163 18.06 -14.42 -27.13
CA LEU A 163 17.01 -15.42 -26.88
C LEU A 163 17.66 -16.68 -26.31
N LEU A 164 17.11 -17.19 -25.21
CA LEU A 164 17.69 -18.34 -24.49
C LEU A 164 16.69 -19.48 -24.37
N GLN A 165 17.18 -20.72 -24.49
CA GLN A 165 16.36 -21.91 -24.25
C GLN A 165 16.63 -22.43 -22.84
N LEU A 166 15.60 -22.42 -21.98
CA LEU A 166 15.71 -22.91 -20.61
C LEU A 166 15.04 -24.28 -20.52
N GLU A 167 15.83 -25.31 -20.15
CA GLU A 167 15.35 -26.70 -20.09
C GLU A 167 15.21 -27.17 -18.64
N ASN A 168 14.01 -27.64 -18.28
CA ASN A 168 13.77 -28.28 -16.99
C ASN A 168 14.01 -29.78 -17.18
N ILE A 169 15.16 -30.26 -16.70
CA ILE A 169 15.53 -31.67 -16.92
C ILE A 169 14.55 -32.60 -16.19
N ASN A 170 14.08 -32.18 -15.01
CA ASN A 170 13.22 -33.06 -14.22
C ASN A 170 11.83 -33.21 -14.80
N SER A 171 11.28 -32.17 -15.43
CA SER A 171 9.93 -32.22 -15.97
C SER A 171 9.88 -32.52 -17.47
N GLY A 172 11.01 -32.57 -18.15
CA GLY A 172 11.01 -32.70 -19.60
C GLY A 172 10.25 -31.62 -20.35
N GLU A 173 10.51 -30.35 -20.03
CA GLU A 173 9.91 -29.20 -20.70
C GLU A 173 10.99 -28.17 -21.00
N THR A 174 10.73 -27.29 -22.00
CA THR A 174 11.57 -26.11 -22.26
C THR A 174 10.70 -24.90 -22.59
N ARG A 175 11.29 -23.71 -22.38
CA ARG A 175 10.66 -22.41 -22.65
C ARG A 175 11.70 -21.46 -23.25
N THR A 176 11.24 -20.53 -24.10
CA THR A 176 12.12 -19.49 -24.65
C THR A 176 12.04 -18.24 -23.77
N ILE A 177 13.19 -17.80 -23.22
CA ILE A 177 13.30 -16.63 -22.35
C ILE A 177 13.93 -15.47 -23.14
N SER A 178 13.33 -14.27 -23.08
CA SER A 178 13.95 -13.09 -23.68
C SER A 178 14.86 -12.41 -22.66
N HIS A 179 16.11 -12.13 -23.06
CA HIS A 179 17.11 -11.54 -22.15
C HIS A 179 17.51 -10.17 -22.70
N PHE A 180 17.03 -9.09 -22.04
CA PHE A 180 17.25 -7.69 -22.48
C PHE A 180 18.41 -7.08 -21.67
N HIS A 181 19.57 -6.86 -22.32
CA HIS A 181 20.80 -6.45 -21.63
C HIS A 181 21.15 -5.00 -22.01
N TYR A 182 21.00 -4.09 -21.05
CA TYR A 182 21.45 -2.71 -21.23
C TYR A 182 22.93 -2.64 -20.86
N THR A 183 23.79 -2.33 -21.83
CA THR A 183 25.24 -2.49 -21.68
C THR A 183 25.99 -1.19 -21.38
N THR A 184 25.34 -0.03 -21.32
CA THR A 184 26.05 1.24 -21.13
C THR A 184 25.44 2.10 -20.02
N TRP A 185 24.97 1.49 -18.92
CA TRP A 185 24.42 2.21 -17.76
C TRP A 185 25.36 2.04 -16.57
N PRO A 186 26.17 3.04 -16.22
CA PRO A 186 27.23 2.82 -15.21
C PRO A 186 26.70 2.68 -13.79
N ASP A 187 27.45 1.92 -12.97
CA ASP A 187 27.17 1.75 -11.54
C ASP A 187 27.05 3.10 -10.83
N PHE A 188 25.98 3.27 -10.06
CA PHE A 188 25.64 4.53 -9.39
C PHE A 188 25.51 5.71 -10.37
N GLY A 189 25.26 5.44 -11.65
CA GLY A 189 25.13 6.46 -12.70
C GLY A 189 23.78 6.53 -13.40
N VAL A 190 23.73 7.11 -14.60
CA VAL A 190 22.47 7.27 -15.34
C VAL A 190 22.68 6.89 -16.80
N PRO A 191 21.60 6.54 -17.51
CA PRO A 191 21.75 6.28 -18.95
C PRO A 191 22.09 7.55 -19.72
N GLU A 192 22.54 7.35 -20.97
CA GLU A 192 23.08 8.45 -21.77
C GLU A 192 22.04 9.52 -22.07
N SER A 193 20.77 9.14 -22.24
CA SER A 193 19.74 10.13 -22.52
C SER A 193 18.39 9.53 -22.15
N PRO A 194 17.38 10.38 -21.88
CA PRO A 194 16.01 9.85 -21.76
C PRO A 194 15.58 9.05 -22.99
N ALA A 195 15.97 9.50 -24.19
CA ALA A 195 15.53 8.82 -25.41
C ALA A 195 16.07 7.40 -25.48
N SER A 196 17.33 7.19 -25.06
CA SER A 196 17.91 5.84 -25.13
C SER A 196 17.25 4.91 -24.11
N PHE A 197 17.03 5.37 -22.87
CA PHE A 197 16.32 4.54 -21.90
C PHE A 197 14.90 4.22 -22.36
N LEU A 198 14.21 5.20 -22.96
CA LEU A 198 12.81 4.97 -23.33
C LEU A 198 12.70 3.99 -24.50
N ASN A 199 13.62 4.07 -25.48
CA ASN A 199 13.60 3.10 -26.57
C ASN A 199 13.78 1.67 -26.05
N PHE A 200 14.66 1.50 -25.07
CA PHE A 200 14.87 0.19 -24.43
C PHE A 200 13.59 -0.29 -23.71
N LEU A 201 12.95 0.59 -22.94
CA LEU A 201 11.74 0.19 -22.21
C LEU A 201 10.62 -0.21 -23.17
N PHE A 202 10.45 0.54 -24.27
CA PHE A 202 9.39 0.23 -25.23
C PHE A 202 9.62 -1.13 -25.90
N LYS A 203 10.87 -1.51 -26.14
CA LYS A 203 11.18 -2.85 -26.66
C LYS A 203 10.81 -3.95 -25.67
N VAL A 204 11.09 -3.75 -24.38
CA VAL A 204 10.65 -4.73 -23.36
C VAL A 204 9.13 -4.84 -23.37
N ARG A 205 8.44 -3.70 -23.43
CA ARG A 205 6.97 -3.72 -23.40
C ARG A 205 6.39 -4.42 -24.62
N GLU A 206 6.99 -4.21 -25.79
CA GLU A 206 6.45 -4.74 -27.04
C GLU A 206 6.48 -6.26 -27.10
N SER A 207 7.37 -6.89 -26.33
CA SER A 207 7.43 -8.34 -26.31
C SER A 207 6.28 -8.98 -25.52
N GLY A 208 5.46 -8.19 -24.83
CA GLY A 208 4.40 -8.71 -24.00
C GLY A 208 4.86 -9.19 -22.64
N SER A 209 6.15 -9.08 -22.32
CA SER A 209 6.70 -9.71 -21.12
C SER A 209 6.26 -9.04 -19.83
N LEU A 210 5.70 -7.82 -19.87
CA LEU A 210 5.22 -7.14 -18.68
C LEU A 210 3.70 -7.23 -18.50
N ASN A 211 3.00 -7.96 -19.40
CA ASN A 211 1.55 -8.07 -19.40
C ASN A 211 1.06 -9.09 -18.36
N PRO A 212 -0.17 -8.91 -17.86
CA PRO A 212 -0.65 -9.78 -16.77
C PRO A 212 -0.83 -11.24 -17.16
N ASP A 213 -0.75 -11.61 -18.44
CA ASP A 213 -0.87 -13.02 -18.82
C ASP A 213 0.44 -13.77 -18.68
N HIS A 214 1.50 -13.14 -18.19
CA HIS A 214 2.77 -13.80 -17.90
C HIS A 214 3.09 -13.64 -16.43
N GLY A 215 3.99 -14.49 -15.93
CA GLY A 215 4.54 -14.29 -14.61
C GLY A 215 5.34 -13.01 -14.57
N PRO A 216 5.74 -12.56 -13.37
CA PRO A 216 6.49 -11.30 -13.25
C PRO A 216 7.84 -11.36 -13.95
N ALA A 217 8.22 -10.26 -14.59
CA ALA A 217 9.55 -10.14 -15.17
C ALA A 217 10.61 -10.03 -14.07
N VAL A 218 11.79 -10.58 -14.32
CA VAL A 218 12.93 -10.53 -13.38
C VAL A 218 13.84 -9.38 -13.79
N ILE A 219 13.97 -8.38 -12.91
CA ILE A 219 14.80 -7.19 -13.13
C ILE A 219 16.02 -7.27 -12.20
N HIS A 220 17.24 -7.10 -12.73
CA HIS A 220 18.42 -7.13 -11.86
C HIS A 220 19.53 -6.20 -12.35
N CYS A 221 20.36 -5.77 -11.40
CA CYS A 221 21.64 -5.12 -11.66
C CYS A 221 22.70 -5.81 -10.81
N SER A 222 23.52 -5.08 -10.03
CA SER A 222 24.44 -5.78 -9.12
C SER A 222 23.80 -6.06 -7.76
N ALA A 223 23.32 -5.03 -7.08
CA ALA A 223 22.60 -5.19 -5.82
C ALA A 223 21.10 -5.31 -6.01
N GLY A 224 20.58 -5.02 -7.19
CA GLY A 224 19.14 -5.06 -7.42
C GLY A 224 18.32 -3.93 -6.81
N ILE A 225 18.90 -2.73 -6.62
CA ILE A 225 18.15 -1.62 -6.02
C ILE A 225 18.33 -0.25 -6.69
N GLY A 226 19.52 0.07 -7.19
CA GLY A 226 19.72 1.40 -7.76
C GLY A 226 19.21 1.55 -9.19
N ARG A 227 19.88 0.89 -10.12
CA ARG A 227 19.41 0.87 -11.50
C ARG A 227 18.07 0.12 -11.63
N SER A 228 17.90 -0.99 -10.91
CA SER A 228 16.63 -1.73 -10.99
C SER A 228 15.46 -0.91 -10.46
N GLY A 229 15.67 -0.16 -9.39
CA GLY A 229 14.62 0.72 -8.88
C GLY A 229 14.26 1.84 -9.83
N THR A 230 15.26 2.39 -10.54
CA THR A 230 14.98 3.46 -11.51
C THR A 230 14.09 2.92 -12.64
N PHE A 231 14.43 1.74 -13.19
CA PHE A 231 13.67 1.16 -14.30
C PHE A 231 12.21 0.91 -13.90
N SER A 232 11.99 0.34 -12.72
CA SER A 232 10.64 -0.05 -12.30
C SER A 232 9.79 1.17 -11.93
N LEU A 233 10.39 2.18 -11.32
CA LEU A 233 9.63 3.39 -10.98
C LEU A 233 9.12 4.10 -12.24
N VAL A 234 9.98 4.24 -13.26
CA VAL A 234 9.57 4.93 -14.48
C VAL A 234 8.44 4.16 -15.18
N ASP A 235 8.56 2.83 -15.31
CA ASP A 235 7.53 2.04 -15.97
C ASP A 235 6.19 2.14 -15.23
N THR A 236 6.22 2.04 -13.89
CA THR A 236 4.97 2.09 -13.12
C THR A 236 4.29 3.46 -13.24
N CYS A 237 5.07 4.54 -13.14
CA CYS A 237 4.49 5.88 -13.19
C CYS A 237 3.85 6.14 -14.53
N LEU A 238 4.46 5.63 -15.62
CA LEU A 238 3.89 5.82 -16.95
C LEU A 238 2.57 5.05 -17.12
N VAL A 239 2.46 3.84 -16.56
CA VAL A 239 1.21 3.09 -16.59
C VAL A 239 0.10 3.86 -15.87
N LEU A 240 0.39 4.37 -14.66
CA LEU A 240 -0.62 5.10 -13.90
C LEU A 240 -1.11 6.33 -14.65
N MET A 241 -0.20 7.05 -15.31
CA MET A 241 -0.59 8.23 -16.07
C MET A 241 -1.44 7.87 -17.28
N GLU A 242 -1.11 6.78 -17.97
CA GLU A 242 -1.92 6.34 -19.10
C GLU A 242 -3.33 5.96 -18.64
N LYS A 243 -3.44 5.44 -17.42
CA LYS A 243 -4.73 5.09 -16.85
C LYS A 243 -5.55 6.34 -16.52
N GLY A 244 -4.89 7.47 -16.28
CA GLY A 244 -5.57 8.72 -15.98
C GLY A 244 -5.34 9.28 -14.58
N ASP A 245 -4.60 8.60 -13.72
CA ASP A 245 -4.39 9.05 -12.34
C ASP A 245 -3.51 10.29 -12.31
N ASP A 246 -3.71 11.12 -11.29
CA ASP A 246 -2.89 12.32 -11.04
C ASP A 246 -1.89 11.96 -9.94
N ILE A 247 -0.61 11.72 -10.33
CA ILE A 247 0.34 11.03 -9.48
C ILE A 247 1.34 12.01 -8.83
N ASN A 248 1.86 11.60 -7.68
CA ASN A 248 2.93 12.29 -6.96
C ASN A 248 4.12 11.35 -6.90
N ILE A 249 5.23 11.72 -7.55
CA ILE A 249 6.33 10.77 -7.75
C ILE A 249 6.98 10.38 -6.42
N LYS A 250 7.11 11.33 -5.48
CA LYS A 250 7.62 10.99 -4.15
C LYS A 250 6.77 9.90 -3.49
N GLN A 251 5.45 9.99 -3.58
CA GLN A 251 4.56 9.00 -2.93
C GLN A 251 4.71 7.60 -3.58
N VAL A 252 4.79 7.54 -4.90
CA VAL A 252 4.91 6.25 -5.57
C VAL A 252 6.19 5.54 -5.14
N LEU A 253 7.32 6.27 -5.11
CA LEU A 253 8.59 5.65 -4.75
C LEU A 253 8.61 5.15 -3.31
N LEU A 254 8.07 5.93 -2.37
CA LEU A 254 8.01 5.47 -0.98
C LEU A 254 7.16 4.20 -0.85
N ASN A 255 6.07 4.11 -1.62
CA ASN A 255 5.25 2.91 -1.62
C ASN A 255 6.01 1.71 -2.17
N MET A 256 6.76 1.90 -3.27
CA MET A 256 7.54 0.79 -3.83
C MET A 256 8.65 0.35 -2.87
N ARG A 257 9.19 1.27 -2.07
CA ARG A 257 10.22 0.94 -1.09
C ARG A 257 9.69 0.09 0.06
N LYS A 258 8.36 -0.04 0.22
CA LYS A 258 7.84 -0.98 1.19
C LYS A 258 8.04 -2.44 0.78
N TYR A 259 8.36 -2.68 -0.50
CA TYR A 259 8.55 -4.03 -1.03
C TYR A 259 10.02 -4.44 -1.12
N ARG A 260 10.94 -3.51 -1.43
CA ARG A 260 12.38 -3.81 -1.40
C ARG A 260 13.13 -2.55 -0.96
N MET A 261 14.12 -2.72 -0.08
CA MET A 261 14.82 -1.57 0.51
C MET A 261 15.66 -0.80 -0.51
N GLY A 262 15.69 0.54 -0.37
CA GLY A 262 16.70 1.37 -1.01
C GLY A 262 16.58 1.62 -2.50
N LEU A 263 15.39 1.45 -3.09
CA LEU A 263 15.23 1.68 -4.53
C LEU A 263 15.61 3.12 -4.90
N ILE A 264 16.46 3.27 -5.93
CA ILE A 264 17.06 4.52 -6.41
C ILE A 264 18.11 5.00 -5.40
N GLN A 265 19.38 5.07 -5.85
CA GLN A 265 20.51 5.21 -4.94
C GLN A 265 21.21 6.57 -4.93
N THR A 266 20.93 7.48 -5.88
CA THR A 266 21.57 8.78 -5.89
C THR A 266 20.58 9.88 -6.24
N PRO A 267 20.87 11.14 -5.87
CA PRO A 267 19.99 12.24 -6.31
C PRO A 267 19.90 12.39 -7.82
N ASP A 268 20.97 12.12 -8.57
CA ASP A 268 20.89 12.22 -10.04
C ASP A 268 19.99 11.13 -10.63
N GLN A 269 19.98 9.92 -10.05
CA GLN A 269 19.06 8.89 -10.53
C GLN A 269 17.60 9.28 -10.29
N LEU A 270 17.32 10.02 -9.21
CA LEU A 270 15.98 10.56 -9.00
C LEU A 270 15.61 11.60 -10.07
N ARG A 271 16.49 12.59 -10.29
CA ARG A 271 16.27 13.58 -11.33
C ARG A 271 16.05 12.94 -12.71
N PHE A 272 16.87 11.93 -13.06
CA PHE A 272 16.69 11.24 -14.34
C PHE A 272 15.30 10.60 -14.44
N SER A 273 14.80 10.03 -13.34
CA SER A 273 13.46 9.43 -13.34
C SER A 273 12.38 10.45 -13.75
N TYR A 274 12.39 11.64 -13.13
CA TYR A 274 11.46 12.71 -13.53
C TYR A 274 11.55 12.99 -15.02
N MET A 275 12.77 13.16 -15.53
CA MET A 275 12.98 13.49 -16.94
C MET A 275 12.42 12.41 -17.87
N ALA A 276 12.65 11.13 -17.54
CA ALA A 276 12.14 10.06 -18.38
C ALA A 276 10.63 9.93 -18.30
N ILE A 277 10.01 10.28 -17.15
CA ILE A 277 8.56 10.18 -17.04
C ILE A 277 7.88 11.30 -17.84
N ILE A 278 8.44 12.51 -17.81
CA ILE A 278 7.88 13.62 -18.58
C ILE A 278 8.00 13.35 -20.09
N GLU A 279 9.19 12.93 -20.54
CA GLU A 279 9.35 12.70 -21.98
C GLU A 279 8.58 11.48 -22.46
N GLY A 280 8.45 10.45 -21.61
CA GLY A 280 7.66 9.30 -22.00
C GLY A 280 6.17 9.58 -22.08
N ALA A 281 5.68 10.43 -21.18
CA ALA A 281 4.25 10.77 -21.18
C ALA A 281 3.83 11.43 -22.49
N LYS A 282 4.74 12.16 -23.12
CA LYS A 282 4.48 12.78 -24.42
C LYS A 282 4.47 11.78 -25.57
N CYS A 283 4.96 10.55 -25.34
CA CYS A 283 4.90 9.50 -26.34
C CYS A 283 3.65 8.65 -26.24
N ILE A 284 2.86 8.79 -25.17
CA ILE A 284 1.67 7.97 -24.99
C ILE A 284 0.70 8.21 -26.15
N LYS A 285 0.14 7.12 -26.67
CA LYS A 285 -0.94 7.16 -27.64
C LYS A 285 -2.24 6.78 -26.96
N GLY A 286 -3.33 7.35 -27.43
CA GLY A 286 -4.65 7.05 -26.88
C GLY A 286 -5.77 7.50 -27.79
N ASP A 287 -6.92 7.81 -27.21
CA ASP A 287 -8.11 8.21 -27.97
C ASP A 287 -8.41 9.71 -27.89
N SER A 288 -7.90 10.41 -26.88
CA SER A 288 -8.36 11.77 -26.58
C SER A 288 -7.84 12.80 -27.58
N SER A 289 -8.77 13.55 -28.20
CA SER A 289 -8.36 14.60 -29.13
C SER A 289 -7.58 15.71 -28.43
N ILE A 290 -7.91 15.99 -27.17
CA ILE A 290 -7.19 17.02 -26.42
C ILE A 290 -5.73 16.61 -26.21
N GLN A 291 -5.52 15.38 -25.74
CA GLN A 291 -4.16 14.91 -25.47
C GLN A 291 -3.29 14.86 -26.73
N LYS A 292 -3.89 14.66 -27.91
CA LYS A 292 -3.08 14.61 -29.11
C LYS A 292 -2.57 16.01 -29.48
N ARG A 293 -3.39 17.04 -29.27
CA ARG A 293 -2.95 18.40 -29.56
C ARG A 293 -1.82 18.84 -28.62
N TRP A 294 -1.92 18.47 -27.33
CA TRP A 294 -0.83 18.76 -26.39
C TRP A 294 0.48 18.16 -26.88
N LYS A 295 0.43 16.91 -27.38
CA LYS A 295 1.65 16.27 -27.86
C LYS A 295 2.25 17.01 -29.04
N GLU A 296 1.43 17.36 -30.04
CA GLU A 296 1.91 18.10 -31.20
C GLU A 296 2.63 19.37 -30.78
N LEU A 297 2.00 20.16 -29.91
CA LEU A 297 2.55 21.45 -29.51
C LEU A 297 3.74 21.32 -28.56
N SER A 298 3.98 20.15 -27.98
CA SER A 298 5.10 20.01 -27.05
C SER A 298 6.24 19.18 -27.64
N PRO B 6 -2.12 25.43 0.36
CA PRO B 6 -2.11 24.14 1.07
C PRO B 6 -3.38 23.34 0.84
N TRP B 7 -4.51 24.04 0.77
CA TRP B 7 -5.79 23.44 0.43
C TRP B 7 -6.28 23.89 -0.95
N GLY B 8 -5.46 24.65 -1.69
CA GLY B 8 -5.95 25.21 -2.94
C GLY B 8 -6.25 24.18 -4.00
N SER B 9 -5.47 23.11 -4.04
CA SER B 9 -5.71 22.05 -5.03
C SER B 9 -7.02 21.33 -4.72
N ILE B 10 -7.28 21.03 -3.44
CA ILE B 10 -8.50 20.33 -3.06
C ILE B 10 -9.72 21.22 -3.25
N GLU B 11 -9.58 22.52 -2.96
CA GLU B 11 -10.71 23.44 -3.06
C GLU B 11 -11.13 23.67 -4.51
N ARG B 12 -10.18 23.75 -5.45
CA ARG B 12 -10.57 23.87 -6.85
C ARG B 12 -11.27 22.61 -7.34
N GLU B 13 -10.79 21.45 -6.92
CA GLU B 13 -11.44 20.18 -7.25
C GLU B 13 -12.87 20.14 -6.69
N PHE B 14 -13.07 20.64 -5.46
CA PHE B 14 -14.40 20.65 -4.84
C PHE B 14 -15.37 21.51 -5.64
N GLU B 15 -14.95 22.73 -6.00
CA GLU B 15 -15.84 23.66 -6.70
C GLU B 15 -16.23 23.12 -8.07
N GLU B 16 -15.29 22.46 -8.76
CA GLU B 16 -15.60 21.89 -10.07
C GLU B 16 -16.59 20.73 -9.96
N LEU B 17 -16.41 19.88 -8.95
CA LEU B 17 -17.32 18.76 -8.73
C LEU B 17 -18.74 19.25 -8.47
N ASP B 18 -18.88 20.35 -7.72
CA ASP B 18 -20.18 20.96 -7.47
C ASP B 18 -20.79 21.51 -8.76
N THR B 19 -20.03 22.34 -9.50
CA THR B 19 -20.63 23.02 -10.65
C THR B 19 -21.02 22.03 -11.74
N GLN B 20 -20.22 20.98 -11.93
CA GLN B 20 -20.53 19.94 -12.90
C GLN B 20 -21.48 18.88 -12.36
N ARG B 21 -21.80 18.90 -11.07
CA ARG B 21 -22.66 17.90 -10.43
C ARG B 21 -22.14 16.49 -10.69
N ARG B 22 -20.86 16.27 -10.39
CA ARG B 22 -20.17 15.01 -10.68
C ARG B 22 -19.88 14.17 -9.43
N TRP B 23 -20.59 14.38 -8.32
CA TRP B 23 -20.28 13.63 -7.11
C TRP B 23 -20.68 12.16 -7.22
N GLN B 24 -21.83 11.86 -7.85
CA GLN B 24 -22.19 10.46 -8.03
C GLN B 24 -21.27 9.72 -8.99
N PRO B 25 -20.89 10.28 -10.15
CA PRO B 25 -19.90 9.56 -10.99
C PRO B 25 -18.56 9.31 -10.30
N LEU B 26 -18.06 10.28 -9.53
CA LEU B 26 -16.80 10.08 -8.82
C LEU B 26 -16.90 8.95 -7.80
N TYR B 27 -18.00 8.90 -7.05
CA TYR B 27 -18.22 7.81 -6.10
C TYR B 27 -18.23 6.46 -6.80
N LEU B 28 -18.86 6.39 -7.98
CA LEU B 28 -18.87 5.14 -8.73
C LEU B 28 -17.47 4.75 -9.21
N GLU B 29 -16.61 5.73 -9.51
CA GLU B 29 -15.22 5.41 -9.83
C GLU B 29 -14.55 4.69 -8.68
N ILE B 30 -14.71 5.22 -7.45
CA ILE B 30 -14.08 4.61 -6.29
C ILE B 30 -14.59 3.19 -6.10
N ARG B 31 -15.90 2.99 -6.27
CA ARG B 31 -16.47 1.65 -6.13
C ARG B 31 -15.88 0.67 -7.15
N ASN B 32 -15.73 1.11 -8.40
CA ASN B 32 -15.20 0.23 -9.43
C ASN B 32 -13.71 -0.07 -9.28
N GLU B 33 -12.96 0.78 -8.59
CA GLU B 33 -11.51 0.59 -8.46
C GLU B 33 -11.10 -0.08 -7.15
N SER B 34 -12.06 -0.45 -6.30
CA SER B 34 -11.78 -1.14 -5.04
C SER B 34 -11.69 -2.64 -5.29
N HIS B 35 -10.61 -3.26 -4.86
CA HIS B 35 -10.47 -4.70 -5.04
C HIS B 35 -11.02 -5.45 -3.82
N ASP B 36 -11.37 -6.73 -4.05
CA ASP B 36 -11.77 -7.64 -2.98
C ASP B 36 -10.58 -8.51 -2.58
N TYR B 37 -10.57 -8.96 -1.34
CA TYR B 37 -9.48 -9.73 -0.76
C TYR B 37 -10.06 -10.87 0.06
N PRO B 38 -9.30 -11.95 0.27
CA PRO B 38 -9.85 -13.12 0.97
C PRO B 38 -10.42 -12.78 2.35
N HIS B 39 -11.60 -13.34 2.62
CA HIS B 39 -12.20 -13.27 3.97
C HIS B 39 -12.79 -14.63 4.34
N ARG B 40 -11.92 -15.64 4.46
CA ARG B 40 -12.37 -17.01 4.69
C ARG B 40 -12.79 -17.27 6.13
N VAL B 41 -12.04 -16.74 7.11
CA VAL B 41 -12.35 -17.03 8.51
C VAL B 41 -13.75 -16.51 8.86
N ALA B 42 -14.10 -15.32 8.36
CA ALA B 42 -15.41 -14.76 8.67
C ALA B 42 -16.57 -15.65 8.23
N LYS B 43 -16.34 -16.54 7.25
CA LYS B 43 -17.38 -17.40 6.72
C LYS B 43 -17.33 -18.84 7.24
N PHE B 44 -16.46 -19.14 8.21
CA PHE B 44 -16.56 -20.42 8.92
C PHE B 44 -17.94 -20.56 9.54
N PRO B 45 -18.55 -21.76 9.51
CA PRO B 45 -19.89 -21.92 10.10
C PRO B 45 -19.98 -21.55 11.58
N GLU B 46 -18.94 -21.80 12.38
CA GLU B 46 -18.93 -21.41 13.78
C GLU B 46 -18.93 -19.90 13.99
N ASN B 47 -18.74 -19.09 12.93
CA ASN B 47 -18.72 -17.64 13.09
C ASN B 47 -19.97 -16.95 12.55
N ARG B 48 -20.97 -17.71 12.08
CA ARG B 48 -22.14 -17.07 11.49
C ARG B 48 -22.90 -16.21 12.52
N ASN B 49 -22.97 -16.67 13.76
CA ASN B 49 -23.69 -15.86 14.75
C ASN B 49 -22.85 -14.73 15.34
N ARG B 50 -21.63 -14.50 14.83
CA ARG B 50 -20.77 -13.40 15.25
C ARG B 50 -20.77 -12.22 14.28
N ASN B 51 -21.52 -12.30 13.18
CA ASN B 51 -21.59 -11.27 12.15
C ASN B 51 -22.99 -10.65 12.13
N ARG B 52 -23.07 -9.32 12.29
CA ARG B 52 -24.34 -8.61 12.19
C ARG B 52 -24.94 -8.66 10.78
N TYR B 53 -24.12 -8.48 9.73
CA TYR B 53 -24.57 -8.40 8.35
C TYR B 53 -23.78 -9.38 7.49
N ARG B 54 -24.46 -10.14 6.61
CA ARG B 54 -23.76 -11.16 5.81
C ARG B 54 -22.83 -10.56 4.76
N ASP B 55 -23.06 -9.32 4.34
CA ASP B 55 -22.27 -8.69 3.29
C ASP B 55 -21.16 -7.77 3.81
N VAL B 56 -20.92 -7.74 5.13
CA VAL B 56 -19.86 -6.91 5.71
C VAL B 56 -18.96 -7.83 6.56
N SER B 57 -17.72 -8.06 6.10
CA SER B 57 -16.75 -8.96 6.73
C SER B 57 -15.35 -8.38 6.74
N PRO B 58 -14.54 -8.68 7.77
CA PRO B 58 -13.13 -8.29 7.73
C PRO B 58 -12.29 -9.20 6.83
N TYR B 59 -11.30 -8.62 6.16
CA TYR B 59 -10.34 -9.41 5.38
C TYR B 59 -9.42 -10.21 6.30
N ASP B 60 -8.97 -11.39 5.82
CA ASP B 60 -8.08 -12.23 6.63
C ASP B 60 -6.77 -11.52 6.98
N HIS B 61 -6.21 -10.75 6.05
CA HIS B 61 -4.87 -10.19 6.31
C HIS B 61 -4.88 -9.07 7.33
N SER B 62 -6.04 -8.48 7.66
CA SER B 62 -6.05 -7.33 8.57
C SER B 62 -7.01 -7.48 9.76
N ARG B 63 -7.63 -8.64 9.94
CA ARG B 63 -8.58 -8.81 11.04
C ARG B 63 -7.86 -8.84 12.40
N VAL B 64 -8.55 -8.36 13.46
CA VAL B 64 -8.00 -8.35 14.82
C VAL B 64 -8.34 -9.69 15.47
N LYS B 65 -7.32 -10.39 15.99
CA LYS B 65 -7.53 -11.71 16.58
C LYS B 65 -7.64 -11.64 18.10
N LEU B 66 -8.57 -12.43 18.66
CA LEU B 66 -8.70 -12.57 20.11
C LEU B 66 -7.63 -13.55 20.62
N GLN B 67 -6.84 -13.14 21.61
CA GLN B 67 -5.74 -13.96 22.10
C GLN B 67 -6.21 -14.92 23.19
N ASN B 68 -5.56 -16.09 23.27
CA ASN B 68 -5.80 -17.09 24.32
C ASN B 68 -7.27 -17.50 24.40
N ALA B 69 -7.89 -17.69 23.24
CA ALA B 69 -9.28 -18.10 23.18
C ALA B 69 -9.42 -19.25 22.18
N GLU B 70 -10.31 -20.17 22.48
CA GLU B 70 -10.58 -21.29 21.57
C GLU B 70 -10.99 -20.80 20.18
N ASN B 71 -11.86 -19.79 20.11
CA ASN B 71 -12.27 -19.17 18.85
C ASN B 71 -11.76 -17.73 18.87
N ASP B 72 -10.86 -17.38 17.94
CA ASP B 72 -10.19 -16.08 17.95
C ASP B 72 -10.89 -15.00 17.13
N TYR B 73 -12.13 -15.22 16.66
CA TYR B 73 -12.73 -14.37 15.63
C TYR B 73 -13.62 -13.27 16.21
N ILE B 74 -13.43 -12.04 15.73
CA ILE B 74 -14.36 -10.94 15.92
C ILE B 74 -14.39 -10.15 14.60
N ASN B 75 -15.55 -9.58 14.31
CA ASN B 75 -15.73 -8.76 13.10
C ASN B 75 -15.15 -7.37 13.40
N ALA B 76 -13.84 -7.23 13.16
CA ALA B 76 -13.06 -6.02 13.45
C ALA B 76 -11.77 -6.06 12.62
N SER B 77 -11.32 -4.88 12.18
CA SER B 77 -10.18 -4.72 11.28
C SER B 77 -9.19 -3.68 11.81
N LEU B 78 -7.89 -3.93 11.65
CA LEU B 78 -6.87 -2.92 11.98
C LEU B 78 -6.51 -2.10 10.76
N VAL B 79 -6.72 -0.78 10.85
CA VAL B 79 -6.44 0.17 9.79
C VAL B 79 -5.22 0.96 10.24
N ASP B 80 -4.00 0.61 9.78
CA ASP B 80 -2.80 1.31 10.25
C ASP B 80 -2.09 2.00 9.09
N ILE B 81 -2.02 3.32 9.17
CA ILE B 81 -1.43 4.20 8.15
C ILE B 81 -0.12 4.76 8.68
N GLU B 82 1.01 4.11 8.40
CA GLU B 82 2.25 4.55 9.05
C GLU B 82 2.73 5.89 8.52
N GLU B 83 2.25 6.33 7.34
CA GLU B 83 2.59 7.66 6.85
C GLU B 83 2.04 8.76 7.75
N ALA B 84 0.93 8.50 8.45
CA ALA B 84 0.35 9.45 9.38
C ALA B 84 0.63 9.10 10.83
N GLN B 85 1.31 7.99 11.10
CA GLN B 85 1.52 7.52 12.47
C GLN B 85 0.19 7.33 13.21
N ARG B 86 -0.84 6.87 12.48
CA ARG B 86 -2.17 6.65 13.02
C ARG B 86 -2.55 5.17 12.88
N SER B 87 -3.17 4.61 13.93
CA SER B 87 -3.80 3.29 13.87
C SER B 87 -5.20 3.39 14.44
N TYR B 88 -6.15 2.67 13.82
CA TYR B 88 -7.52 2.56 14.31
C TYR B 88 -8.00 1.11 14.19
N ILE B 89 -8.93 0.71 15.05
CA ILE B 89 -9.70 -0.53 14.85
C ILE B 89 -11.14 -0.14 14.50
N LEU B 90 -11.61 -0.54 13.32
CA LEU B 90 -12.99 -0.30 12.91
C LEU B 90 -13.79 -1.58 13.07
N THR B 91 -14.99 -1.49 13.67
CA THR B 91 -15.73 -2.70 14.05
C THR B 91 -17.23 -2.46 13.94
N GLN B 92 -17.99 -3.55 13.84
CA GLN B 92 -19.45 -3.48 13.84
C GLN B 92 -19.95 -3.14 15.25
N GLY B 93 -21.20 -2.67 15.34
CA GLY B 93 -21.86 -2.57 16.62
C GLY B 93 -22.08 -3.96 17.19
N PRO B 94 -21.60 -4.23 18.41
CA PRO B 94 -21.63 -5.62 18.91
C PRO B 94 -23.06 -6.14 19.09
N LEU B 95 -23.22 -7.46 18.93
CA LEU B 95 -24.46 -8.18 19.18
C LEU B 95 -24.53 -8.57 20.65
N PRO B 96 -25.72 -8.94 21.17
CA PRO B 96 -25.79 -9.38 22.58
C PRO B 96 -24.78 -10.46 22.94
N ASN B 97 -24.53 -11.43 22.05
CA ASN B 97 -23.56 -12.50 22.33
C ASN B 97 -22.11 -12.13 21.99
N THR B 98 -21.84 -10.96 21.41
CA THR B 98 -20.46 -10.55 21.16
C THR B 98 -20.03 -9.31 21.96
N CYS B 99 -20.85 -8.81 22.90
CA CYS B 99 -20.35 -7.77 23.80
C CYS B 99 -19.16 -8.26 24.64
N CYS B 100 -19.13 -9.56 25.00
CA CYS B 100 -18.01 -10.08 25.79
C CYS B 100 -16.70 -10.06 24.99
N HIS B 101 -16.75 -10.34 23.68
CA HIS B 101 -15.56 -10.31 22.83
C HIS B 101 -15.10 -8.88 22.57
N PHE B 102 -16.05 -7.94 22.46
CA PHE B 102 -15.69 -6.54 22.21
C PHE B 102 -14.85 -6.00 23.35
N TRP B 103 -15.25 -6.26 24.60
CA TRP B 103 -14.47 -5.74 25.73
C TRP B 103 -13.16 -6.50 25.94
N LEU B 104 -13.12 -7.80 25.63
CA LEU B 104 -11.84 -8.53 25.62
C LEU B 104 -10.86 -7.96 24.61
N MET B 105 -11.35 -7.54 23.44
CA MET B 105 -10.46 -6.92 22.46
C MET B 105 -9.95 -5.57 22.95
N VAL B 106 -10.84 -4.73 23.49
CA VAL B 106 -10.44 -3.43 24.05
C VAL B 106 -9.32 -3.61 25.10
N TRP B 107 -9.43 -4.63 25.96
CA TRP B 107 -8.38 -4.85 26.95
C TRP B 107 -7.06 -5.24 26.28
N GLN B 108 -7.08 -6.28 25.43
CA GLN B 108 -5.85 -6.84 24.88
C GLN B 108 -5.10 -5.87 23.99
N GLN B 109 -5.82 -4.99 23.28
CA GLN B 109 -5.16 -4.06 22.38
C GLN B 109 -4.69 -2.77 23.08
N LYS B 110 -4.95 -2.63 24.39
CA LYS B 110 -4.52 -1.47 25.19
C LYS B 110 -5.21 -0.17 24.76
N THR B 111 -6.46 -0.29 24.31
CA THR B 111 -7.27 0.84 23.88
C THR B 111 -7.64 1.74 25.06
N LYS B 112 -7.66 3.05 24.81
CA LYS B 112 -8.08 4.04 25.81
C LYS B 112 -9.39 4.76 25.48
N ALA B 113 -9.85 4.74 24.23
CA ALA B 113 -11.10 5.42 23.85
C ALA B 113 -11.91 4.60 22.86
N VAL B 114 -13.25 4.68 23.01
CA VAL B 114 -14.22 4.14 22.07
C VAL B 114 -15.00 5.31 21.47
N VAL B 115 -15.08 5.37 20.14
CA VAL B 115 -15.83 6.40 19.42
C VAL B 115 -17.06 5.75 18.79
N MET B 116 -18.25 6.15 19.25
CA MET B 116 -19.53 5.59 18.81
C MET B 116 -20.33 6.65 18.04
N LEU B 117 -20.68 6.34 16.77
CA LEU B 117 -21.27 7.33 15.86
C LEU B 117 -22.74 7.05 15.52
N ASN B 118 -23.37 6.05 16.11
CA ASN B 118 -24.77 5.68 15.86
C ASN B 118 -25.60 5.76 17.13
N ARG B 119 -26.94 5.72 16.97
CA ARG B 119 -27.85 5.50 18.09
C ARG B 119 -28.20 4.01 18.17
N ILE B 120 -28.70 3.59 19.35
CA ILE B 120 -29.05 2.18 19.57
C ILE B 120 -30.20 1.75 18.64
N VAL B 121 -31.20 2.61 18.47
CA VAL B 121 -32.35 2.39 17.58
C VAL B 121 -32.36 3.50 16.55
N GLU B 122 -32.47 3.13 15.25
CA GLU B 122 -32.54 4.12 14.16
C GLU B 122 -33.61 3.67 13.17
N LYS B 123 -34.60 4.54 12.93
CA LYS B 123 -35.73 4.22 12.02
C LYS B 123 -36.43 2.92 12.43
N GLU B 124 -36.66 2.77 13.74
CA GLU B 124 -37.38 1.64 14.33
C GLU B 124 -36.66 0.30 14.15
N SER B 125 -35.34 0.28 13.99
CA SER B 125 -34.58 -0.98 13.94
C SER B 125 -33.40 -0.90 14.90
N VAL B 126 -33.06 -2.01 15.56
CA VAL B 126 -31.92 -2.03 16.49
C VAL B 126 -30.63 -2.16 15.67
N LYS B 127 -29.66 -1.27 15.95
CA LYS B 127 -28.41 -1.16 15.21
C LYS B 127 -27.18 -1.66 15.98
N CYS B 128 -27.31 -1.85 17.30
CA CYS B 128 -26.19 -2.11 18.24
C CYS B 128 -26.79 -2.46 19.60
N ALA B 129 -26.15 -3.40 20.32
CA ALA B 129 -26.60 -3.77 21.67
C ALA B 129 -26.15 -2.75 22.73
N GLN B 130 -26.91 -2.65 23.82
CA GLN B 130 -26.52 -1.78 24.93
C GLN B 130 -25.35 -2.37 25.68
N TYR B 131 -24.11 -2.03 25.30
CA TYR B 131 -22.93 -2.71 25.81
C TYR B 131 -22.23 -1.97 26.97
N TRP B 132 -22.78 -0.86 27.45
CA TRP B 132 -22.36 -0.18 28.66
C TRP B 132 -23.57 0.14 29.53
N PRO B 133 -23.38 0.33 30.85
CA PRO B 133 -24.52 0.66 31.72
C PRO B 133 -24.88 2.14 31.71
N THR B 134 -26.19 2.41 31.74
CA THR B 134 -26.72 3.78 31.76
C THR B 134 -26.98 4.33 33.17
N ASP B 135 -26.95 3.49 34.21
CA ASP B 135 -27.16 3.91 35.59
C ASP B 135 -25.99 3.46 36.47
N ASP B 136 -26.19 3.25 37.78
CA ASP B 136 -25.08 2.88 38.66
C ASP B 136 -24.90 1.37 38.85
N GLN B 137 -25.57 0.54 38.07
CA GLN B 137 -25.46 -0.91 38.23
C GLN B 137 -24.26 -1.48 37.45
N GLU B 138 -23.59 -2.46 38.05
CA GLU B 138 -22.45 -3.11 37.39
C GLU B 138 -22.94 -4.03 36.28
N MET B 139 -22.36 -3.91 35.08
CA MET B 139 -22.69 -4.75 33.93
C MET B 139 -21.62 -5.83 33.76
N LEU B 140 -22.03 -7.10 33.76
CA LEU B 140 -21.10 -8.22 33.82
C LEU B 140 -21.13 -9.04 32.54
N PHE B 141 -19.94 -9.45 32.08
CA PHE B 141 -19.72 -10.25 30.87
C PHE B 141 -18.96 -11.52 31.27
N LYS B 142 -19.70 -12.57 31.68
CA LYS B 142 -19.07 -13.71 32.33
C LYS B 142 -18.27 -14.60 31.38
N GLU B 143 -18.64 -14.65 30.10
CA GLU B 143 -17.94 -15.54 29.15
C GLU B 143 -16.44 -15.20 29.02
N THR B 144 -16.05 -13.93 29.10
CA THR B 144 -14.65 -13.54 28.95
C THR B 144 -14.03 -12.97 30.21
N GLY B 145 -14.81 -12.79 31.29
CA GLY B 145 -14.28 -12.28 32.55
C GLY B 145 -14.04 -10.78 32.69
N PHE B 146 -15.01 -9.95 32.29
CA PHE B 146 -14.89 -8.49 32.41
C PHE B 146 -16.18 -7.89 33.01
N SER B 147 -16.05 -6.72 33.66
CA SER B 147 -17.22 -5.95 34.07
C SER B 147 -17.00 -4.46 33.78
N VAL B 148 -18.10 -3.71 33.70
CA VAL B 148 -18.06 -2.31 33.29
C VAL B 148 -18.96 -1.49 34.20
N LYS B 149 -18.45 -0.36 34.70
CA LYS B 149 -19.21 0.58 35.53
C LYS B 149 -19.17 1.99 34.96
N LEU B 150 -20.27 2.73 35.11
CA LEU B 150 -20.36 4.12 34.68
C LEU B 150 -19.82 5.05 35.77
N LEU B 151 -18.88 5.93 35.40
CA LEU B 151 -18.26 6.85 36.34
C LEU B 151 -18.77 8.28 36.21
N SER B 152 -19.07 8.75 34.99
CA SER B 152 -19.62 10.10 34.83
C SER B 152 -20.19 10.25 33.43
N GLU B 153 -21.00 11.31 33.24
CA GLU B 153 -21.72 11.56 31.99
C GLU B 153 -21.85 13.06 31.76
N ASP B 154 -21.42 13.54 30.59
CA ASP B 154 -21.48 14.95 30.24
C ASP B 154 -22.23 15.10 28.92
N VAL B 155 -23.45 15.67 28.97
CA VAL B 155 -24.37 15.70 27.84
C VAL B 155 -24.30 17.07 27.17
N LYS B 156 -24.05 17.08 25.86
CA LYS B 156 -24.12 18.32 25.08
C LYS B 156 -25.23 18.22 24.04
N SER B 157 -25.35 19.28 23.23
CA SER B 157 -26.46 19.40 22.30
C SER B 157 -26.47 18.29 21.25
N TYR B 158 -25.29 17.88 20.77
CA TYR B 158 -25.25 16.90 19.70
C TYR B 158 -24.31 15.72 19.97
N TYR B 159 -23.77 15.60 21.18
CA TYR B 159 -22.95 14.45 21.55
C TYR B 159 -22.84 14.38 23.07
N THR B 160 -22.42 13.20 23.58
CA THR B 160 -22.28 12.95 25.01
C THR B 160 -20.98 12.21 25.25
N VAL B 161 -20.32 12.49 26.39
CA VAL B 161 -19.12 11.74 26.80
C VAL B 161 -19.41 10.98 28.08
N HIS B 162 -19.20 9.66 28.07
CA HIS B 162 -19.25 8.83 29.28
C HIS B 162 -17.84 8.40 29.66
N LEU B 163 -17.52 8.45 30.96
CA LEU B 163 -16.31 7.83 31.49
C LEU B 163 -16.67 6.49 32.10
N LEU B 164 -15.96 5.42 31.69
CA LEU B 164 -16.28 4.06 32.08
C LEU B 164 -15.10 3.40 32.79
N GLN B 165 -15.39 2.50 33.75
CA GLN B 165 -14.35 1.70 34.39
C GLN B 165 -14.46 0.26 33.92
N LEU B 166 -13.41 -0.24 33.26
CA LEU B 166 -13.36 -1.60 32.73
C LEU B 166 -12.50 -2.46 33.65
N GLU B 167 -13.06 -3.54 34.18
CA GLU B 167 -12.35 -4.40 35.15
C GLU B 167 -12.06 -5.77 34.54
N ASN B 168 -10.79 -6.17 34.55
CA ASN B 168 -10.37 -7.53 34.20
C ASN B 168 -10.47 -8.38 35.46
N ILE B 169 -11.57 -9.13 35.60
CA ILE B 169 -11.83 -9.89 36.82
C ILE B 169 -10.81 -11.01 36.98
N ASN B 170 -10.31 -11.57 35.89
CA ASN B 170 -9.33 -12.65 36.02
C ASN B 170 -7.99 -12.15 36.58
N SER B 171 -7.60 -10.92 36.27
CA SER B 171 -6.28 -10.43 36.66
C SER B 171 -6.31 -9.45 37.82
N GLY B 172 -7.47 -8.93 38.19
CA GLY B 172 -7.54 -7.91 39.22
C GLY B 172 -7.10 -6.51 38.82
N GLU B 173 -7.00 -6.21 37.52
CA GLU B 173 -6.63 -4.89 37.02
C GLU B 173 -7.87 -4.13 36.53
N THR B 174 -7.83 -2.79 36.59
CA THR B 174 -8.89 -1.97 35.97
C THR B 174 -8.28 -0.79 35.21
N ARG B 175 -9.09 -0.21 34.30
CA ARG B 175 -8.68 0.85 33.39
C ARG B 175 -9.85 1.78 33.07
N THR B 176 -9.59 3.10 33.06
CA THR B 176 -10.60 4.08 32.67
C THR B 176 -10.68 4.24 31.14
N ILE B 177 -11.90 4.15 30.57
CA ILE B 177 -12.14 4.25 29.14
C ILE B 177 -12.99 5.49 28.87
N SER B 178 -12.59 6.32 27.89
CA SER B 178 -13.41 7.44 27.45
C SER B 178 -14.31 7.03 26.29
N HIS B 179 -15.62 7.29 26.42
CA HIS B 179 -16.63 6.84 25.46
C HIS B 179 -17.27 8.08 24.81
N PHE B 180 -16.86 8.40 23.57
CA PHE B 180 -17.33 9.59 22.84
C PHE B 180 -18.51 9.23 21.93
N HIS B 181 -19.72 9.67 22.30
CA HIS B 181 -20.95 9.22 21.64
C HIS B 181 -21.58 10.36 20.83
N TYR B 182 -21.46 10.28 19.51
CA TYR B 182 -22.08 11.24 18.61
C TYR B 182 -23.53 10.81 18.40
N THR B 183 -24.49 11.65 18.85
CA THR B 183 -25.87 11.21 19.00
C THR B 183 -26.80 11.72 17.88
N THR B 184 -26.29 12.54 16.95
CA THR B 184 -27.12 13.18 15.93
C THR B 184 -26.55 13.00 14.52
N TRP B 185 -26.01 11.82 14.20
CA TRP B 185 -25.48 11.52 12.87
C TRP B 185 -26.29 10.39 12.25
N PRO B 186 -27.24 10.67 11.35
CA PRO B 186 -28.16 9.62 10.88
C PRO B 186 -27.52 8.55 10.00
N ASP B 187 -28.11 7.35 10.07
CA ASP B 187 -27.73 6.22 9.23
C ASP B 187 -27.77 6.59 7.74
N PHE B 188 -26.68 6.29 7.03
CA PHE B 188 -26.49 6.68 5.63
C PHE B 188 -26.61 8.20 5.41
N GLY B 189 -26.38 9.02 6.44
CA GLY B 189 -26.41 10.47 6.30
C GLY B 189 -25.15 11.23 6.70
N VAL B 190 -25.27 12.53 6.98
CA VAL B 190 -24.12 13.37 7.27
C VAL B 190 -24.40 14.15 8.56
N PRO B 191 -23.36 14.65 9.23
CA PRO B 191 -23.59 15.48 10.41
C PRO B 191 -24.16 16.85 10.03
N GLU B 192 -24.60 17.56 11.06
CA GLU B 192 -25.34 18.82 10.87
C GLU B 192 -24.50 19.89 10.17
N SER B 193 -23.20 19.94 10.46
CA SER B 193 -22.33 20.94 9.84
C SER B 193 -20.90 20.47 9.95
N PRO B 194 -20.01 20.97 9.07
CA PRO B 194 -18.58 20.70 9.26
C PRO B 194 -18.07 21.17 10.62
N ALA B 195 -18.55 22.32 11.09
CA ALA B 195 -18.05 22.86 12.36
C ALA B 195 -18.40 21.96 13.53
N SER B 196 -19.60 21.38 13.54
CA SER B 196 -19.98 20.49 14.64
C SER B 196 -19.16 19.20 14.62
N PHE B 197 -18.97 18.59 13.45
CA PHE B 197 -18.12 17.40 13.36
C PHE B 197 -16.69 17.69 13.82
N LEU B 198 -16.16 18.86 13.43
CA LEU B 198 -14.75 19.15 13.71
C LEU B 198 -14.52 19.40 15.20
N ASN B 199 -15.47 20.06 15.87
CA ASN B 199 -15.39 20.21 17.32
C ASN B 199 -15.31 18.86 18.02
N PHE B 200 -16.14 17.90 17.60
CA PHE B 200 -16.12 16.55 18.15
C PHE B 200 -14.77 15.87 17.92
N LEU B 201 -14.25 15.91 16.68
CA LEU B 201 -12.97 15.29 16.39
C LEU B 201 -11.85 15.89 17.26
N PHE B 202 -11.85 17.22 17.41
CA PHE B 202 -10.82 17.90 18.19
C PHE B 202 -10.86 17.51 19.67
N LYS B 203 -12.07 17.26 20.21
CA LYS B 203 -12.17 16.74 21.57
C LYS B 203 -11.56 15.34 21.69
N VAL B 204 -11.84 14.45 20.74
CA VAL B 204 -11.20 13.12 20.78
C VAL B 204 -9.68 13.25 20.73
N ARG B 205 -9.16 14.11 19.86
CA ARG B 205 -7.71 14.31 19.76
C ARG B 205 -7.13 14.84 21.08
N GLU B 206 -7.80 15.81 21.70
CA GLU B 206 -7.25 16.47 22.88
C GLU B 206 -7.10 15.53 24.07
N SER B 207 -7.92 14.48 24.13
CA SER B 207 -7.80 13.51 25.22
C SER B 207 -6.52 12.67 25.14
N GLY B 208 -5.77 12.77 24.04
CA GLY B 208 -4.57 11.97 23.83
C GLY B 208 -4.82 10.59 23.28
N SER B 209 -6.08 10.20 23.08
CA SER B 209 -6.45 8.81 22.78
C SER B 209 -6.09 8.36 21.38
N LEU B 210 -5.74 9.27 20.46
CA LEU B 210 -5.28 8.86 19.14
C LEU B 210 -3.76 8.86 19.01
N ASN B 211 -3.02 9.12 20.09
CA ASN B 211 -1.57 9.27 20.05
C ASN B 211 -0.87 7.92 20.06
N PRO B 212 0.33 7.82 19.48
CA PRO B 212 0.99 6.51 19.35
C PRO B 212 1.43 5.87 20.65
N ASP B 213 1.35 6.57 21.79
CA ASP B 213 1.75 5.92 23.04
C ASP B 213 0.63 5.06 23.63
N HIS B 214 -0.56 5.09 23.08
CA HIS B 214 -1.65 4.21 23.50
C HIS B 214 -1.89 3.17 22.41
N GLY B 215 -2.74 2.19 22.72
CA GLY B 215 -3.25 1.30 21.70
C GLY B 215 -4.16 2.06 20.76
N PRO B 216 -4.57 1.43 19.66
CA PRO B 216 -5.48 2.10 18.72
C PRO B 216 -6.86 2.34 19.34
N ALA B 217 -7.46 3.50 19.03
CA ALA B 217 -8.85 3.71 19.39
C ALA B 217 -9.76 2.79 18.57
N VAL B 218 -10.89 2.42 19.19
CA VAL B 218 -11.93 1.61 18.56
C VAL B 218 -13.02 2.55 18.05
N ILE B 219 -13.28 2.49 16.73
CA ILE B 219 -14.29 3.32 16.07
C ILE B 219 -15.41 2.40 15.58
N HIS B 220 -16.67 2.73 15.89
CA HIS B 220 -17.77 1.91 15.39
C HIS B 220 -19.03 2.73 15.12
N CYS B 221 -19.85 2.21 14.19
CA CYS B 221 -21.24 2.65 14.00
C CYS B 221 -22.14 1.40 14.03
N SER B 222 -22.99 1.16 13.03
CA SER B 222 -23.72 -0.12 13.00
C SER B 222 -22.95 -1.21 12.25
N ALA B 223 -22.61 -0.96 10.98
CA ALA B 223 -21.77 -1.88 10.22
C ALA B 223 -20.28 -1.59 10.36
N GLY B 224 -19.91 -0.42 10.89
CA GLY B 224 -18.51 -0.05 10.98
C GLY B 224 -17.82 0.27 9.67
N ILE B 225 -18.54 0.83 8.67
CA ILE B 225 -17.92 1.18 7.39
C ILE B 225 -18.32 2.57 6.88
N GLY B 226 -19.58 2.97 7.04
CA GLY B 226 -20.03 4.23 6.46
C GLY B 226 -19.64 5.47 7.25
N ARG B 227 -20.23 5.62 8.44
CA ARG B 227 -19.88 6.72 9.34
C ARG B 227 -18.48 6.56 9.92
N SER B 228 -18.08 5.33 10.28
CA SER B 228 -16.72 5.08 10.76
C SER B 228 -15.68 5.38 9.68
N GLY B 229 -15.97 5.04 8.43
CA GLY B 229 -15.04 5.37 7.35
C GLY B 229 -14.88 6.87 7.12
N THR B 230 -15.99 7.63 7.25
CA THR B 230 -15.93 9.08 7.10
C THR B 230 -15.06 9.72 8.18
N PHE B 231 -15.32 9.40 9.45
CA PHE B 231 -14.54 9.95 10.57
C PHE B 231 -13.05 9.67 10.39
N SER B 232 -12.69 8.43 10.03
CA SER B 232 -11.29 8.03 9.93
C SER B 232 -10.59 8.67 8.72
N LEU B 233 -11.29 8.77 7.58
CA LEU B 233 -10.66 9.39 6.41
C LEU B 233 -10.35 10.87 6.65
N VAL B 234 -11.25 11.59 7.33
CA VAL B 234 -11.01 13.01 7.61
C VAL B 234 -9.83 13.18 8.57
N ASP B 235 -9.76 12.37 9.64
CA ASP B 235 -8.65 12.49 10.58
C ASP B 235 -7.32 12.18 9.91
N THR B 236 -7.26 11.13 9.08
CA THR B 236 -6.01 10.77 8.42
C THR B 236 -5.56 11.84 7.43
N CYS B 237 -6.49 12.34 6.60
CA CYS B 237 -6.13 13.37 5.61
C CYS B 237 -5.65 14.65 6.28
N LEU B 238 -6.21 15.00 7.45
CA LEU B 238 -5.75 16.21 8.13
C LEU B 238 -4.34 16.06 8.68
N VAL B 239 -3.98 14.86 9.16
CA VAL B 239 -2.63 14.64 9.68
C VAL B 239 -1.59 14.72 8.55
N LEU B 240 -1.89 14.12 7.40
CA LEU B 240 -0.97 14.18 6.27
C LEU B 240 -0.75 15.62 5.81
N MET B 241 -1.82 16.41 5.78
CA MET B 241 -1.67 17.82 5.40
C MET B 241 -0.81 18.60 6.39
N GLU B 242 -1.00 18.36 7.69
CA GLU B 242 -0.19 19.04 8.70
C GLU B 242 1.29 18.73 8.51
N LYS B 243 1.61 17.47 8.23
CA LYS B 243 2.99 17.07 7.98
C LYS B 243 3.58 17.73 6.74
N GLY B 244 2.73 18.21 5.82
CA GLY B 244 3.20 18.88 4.63
C GLY B 244 3.04 18.11 3.33
N ASP B 245 2.38 16.95 3.35
CA ASP B 245 2.17 16.19 2.13
C ASP B 245 1.18 16.88 1.20
N ASP B 246 1.30 16.60 -0.09
CA ASP B 246 0.38 17.12 -1.11
C ASP B 246 -0.54 15.95 -1.51
N ILE B 247 -1.73 15.91 -0.91
CA ILE B 247 -2.52 14.69 -0.86
C ILE B 247 -3.57 14.65 -1.96
N ASN B 248 -4.01 13.43 -2.29
CA ASN B 248 -5.11 13.17 -3.22
C ASN B 248 -6.15 12.32 -2.49
N ILE B 249 -7.35 12.88 -2.29
CA ILE B 249 -8.32 12.24 -1.39
C ILE B 249 -8.79 10.90 -1.96
N LYS B 250 -9.06 10.84 -3.26
CA LYS B 250 -9.44 9.57 -3.88
C LYS B 250 -8.39 8.49 -3.60
N GLN B 251 -7.11 8.83 -3.67
CA GLN B 251 -6.02 7.85 -3.46
C GLN B 251 -5.97 7.35 -2.01
N VAL B 252 -6.09 8.26 -1.05
CA VAL B 252 -6.08 7.89 0.40
C VAL B 252 -7.24 6.93 0.70
N LEU B 253 -8.44 7.24 0.21
CA LEU B 253 -9.63 6.40 0.47
C LEU B 253 -9.40 4.98 -0.12
N LEU B 254 -8.92 4.92 -1.37
CA LEU B 254 -8.74 3.60 -1.96
C LEU B 254 -7.71 2.78 -1.18
N ASN B 255 -6.66 3.43 -0.67
CA ASN B 255 -5.67 2.74 0.14
C ASN B 255 -6.25 2.28 1.47
N MET B 256 -7.06 3.13 2.13
CA MET B 256 -7.67 2.72 3.39
C MET B 256 -8.68 1.57 3.18
N ARG B 257 -9.35 1.53 2.03
CA ARG B 257 -10.23 0.41 1.70
C ARG B 257 -9.49 -0.90 1.53
N LYS B 258 -8.16 -0.89 1.43
CA LYS B 258 -7.42 -2.15 1.41
C LYS B 258 -7.42 -2.83 2.78
N TYR B 259 -7.75 -2.09 3.85
CA TYR B 259 -7.78 -2.64 5.20
C TYR B 259 -9.18 -3.07 5.66
N ARG B 260 -10.24 -2.40 5.23
CA ARG B 260 -11.61 -2.83 5.51
C ARG B 260 -12.53 -2.42 4.36
N MET B 261 -13.41 -3.33 3.93
CA MET B 261 -14.25 -3.09 2.76
C MET B 261 -15.25 -1.94 2.98
N GLY B 262 -15.55 -1.20 1.91
CA GLY B 262 -16.72 -0.35 1.82
C GLY B 262 -16.73 0.94 2.62
N LEU B 263 -15.57 1.50 2.97
CA LEU B 263 -15.53 2.73 3.75
C LEU B 263 -16.10 3.89 2.92
N ILE B 264 -17.03 4.63 3.54
CA ILE B 264 -17.83 5.72 2.97
C ILE B 264 -18.88 5.14 2.02
N GLN B 265 -20.15 5.30 2.41
CA GLN B 265 -21.26 4.59 1.79
C GLN B 265 -22.14 5.41 0.86
N THR B 266 -22.02 6.74 0.80
CA THR B 266 -22.86 7.51 -0.11
C THR B 266 -22.09 8.66 -0.76
N PRO B 267 -22.55 9.15 -1.92
CA PRO B 267 -21.91 10.36 -2.50
C PRO B 267 -21.93 11.58 -1.59
N ASP B 268 -22.98 11.78 -0.79
CA ASP B 268 -23.00 12.92 0.11
C ASP B 268 -22.02 12.78 1.28
N GLN B 269 -21.76 11.54 1.75
CA GLN B 269 -20.72 11.37 2.76
C GLN B 269 -19.34 11.69 2.18
N LEU B 270 -19.11 11.41 0.90
CA LEU B 270 -17.86 11.80 0.24
C LEU B 270 -17.73 13.33 0.17
N ARG B 271 -18.78 14.00 -0.33
CA ARG B 271 -18.76 15.45 -0.39
C ARG B 271 -18.55 16.06 1.00
N PHE B 272 -19.19 15.50 2.02
CA PHE B 272 -19.00 16.00 3.37
C PHE B 272 -17.54 15.89 3.81
N SER B 273 -16.89 14.76 3.48
CA SER B 273 -15.48 14.58 3.83
C SER B 273 -14.59 15.69 3.27
N TYR B 274 -14.80 16.07 2.01
CA TYR B 274 -14.04 17.16 1.41
C TYR B 274 -14.22 18.48 2.18
N MET B 275 -15.47 18.83 2.49
CA MET B 275 -15.75 20.07 3.22
C MET B 275 -15.08 20.10 4.59
N ALA B 276 -15.20 19.00 5.34
CA ALA B 276 -14.59 18.95 6.66
C ALA B 276 -13.07 18.98 6.57
N ILE B 277 -12.49 18.44 5.49
CA ILE B 277 -11.03 18.50 5.33
C ILE B 277 -10.59 19.91 4.95
N ILE B 278 -11.38 20.61 4.12
CA ILE B 278 -11.02 21.97 3.73
C ILE B 278 -11.10 22.92 4.93
N GLU B 279 -12.23 22.89 5.65
CA GLU B 279 -12.39 23.77 6.80
C GLU B 279 -11.43 23.41 7.94
N GLY B 280 -11.18 22.12 8.15
CA GLY B 280 -10.27 21.73 9.23
C GLY B 280 -8.85 22.21 8.99
N ALA B 281 -8.37 22.10 7.75
CA ALA B 281 -7.00 22.51 7.43
C ALA B 281 -6.80 24.00 7.67
N LYS B 282 -7.84 24.83 7.45
CA LYS B 282 -7.74 26.26 7.72
C LYS B 282 -7.67 26.55 9.22
N CYS B 283 -8.21 25.68 10.06
CA CYS B 283 -8.13 25.88 11.50
C CYS B 283 -6.71 25.64 12.02
N ILE B 284 -6.10 24.54 11.60
CA ILE B 284 -4.82 24.11 12.17
C ILE B 284 -3.71 25.12 11.89
#